data_8SU7
#
_entry.id   8SU7
#
_cell.length_a   63.712
_cell.length_b   63.712
_cell.length_c   134.865
_cell.angle_alpha   90.00
_cell.angle_beta   90.00
_cell.angle_gamma   90.00
#
_symmetry.space_group_name_H-M   'I 4'
#
loop_
_entity.id
_entity.type
_entity.pdbx_description
1 polymer '7,8-dihydroneopterin aldolase'
2 non-polymer 1,2-ETHANEDIOL
3 water water
#
_entity_poly.entity_id   1
_entity_poly.type   'polypeptide(L)'
_entity_poly.pdbx_seq_one_letter_code
;MDKIYIHDMEFYGYHGVFPEENKLGQRFKVDLTVELDLKRAGESDDLEHSVNYGELFELCRKVVEDRTYKLVESIAENIA
TDILKQYESISRCTIKVIKPDPPIPGHYRAVAVEITRERP
;
_entity_poly.pdbx_strand_id   A,B
#
loop_
_chem_comp.id
_chem_comp.type
_chem_comp.name
_chem_comp.formula
EDO non-polymer 1,2-ETHANEDIOL 'C2 H6 O2'
#
# COMPACT_ATOMS: atom_id res chain seq x y z
N MET A 1 22.38 21.20 0.23
CA MET A 1 21.81 21.36 1.62
C MET A 1 21.43 19.99 2.18
N ASP A 2 20.85 19.98 3.38
CA ASP A 2 20.37 18.76 3.99
C ASP A 2 19.03 18.37 3.39
N LYS A 3 18.67 17.10 3.55
CA LYS A 3 17.54 16.55 2.81
C LYS A 3 16.73 15.58 3.66
N ILE A 4 15.43 15.55 3.38
CA ILE A 4 14.51 14.56 3.89
C ILE A 4 13.95 13.79 2.70
N TYR A 5 13.87 12.47 2.83
CA TYR A 5 13.34 11.62 1.78
C TYR A 5 12.14 10.84 2.29
N ILE A 6 11.19 10.54 1.40
CA ILE A 6 10.04 9.63 1.67
C ILE A 6 10.11 8.67 0.48
N HIS A 7 10.77 7.53 0.64
CA HIS A 7 11.07 6.63 -0.50
C HIS A 7 9.95 5.66 -0.88
N ASP A 8 9.60 5.64 -2.16
CA ASP A 8 8.64 4.68 -2.75
C ASP A 8 7.28 4.66 -2.06
N MET A 9 6.63 5.79 -1.91
CA MET A 9 5.23 5.82 -1.50
C MET A 9 4.38 5.19 -2.60
N GLU A 10 3.56 4.20 -2.24
CA GLU A 10 2.70 3.51 -3.19
C GLU A 10 1.26 3.91 -2.95
N PHE A 11 0.61 4.37 -4.01
CA PHE A 11 -0.80 4.74 -3.98
C PHE A 11 -1.53 4.03 -5.11
N TYR A 12 -2.85 4.02 -5.02
CA TYR A 12 -3.71 3.59 -6.12
C TYR A 12 -4.52 4.80 -6.56
N GLY A 13 -4.38 5.18 -7.83
CA GLY A 13 -5.03 6.37 -8.36
C GLY A 13 -5.73 6.07 -9.67
N TYR A 14 -6.42 7.08 -10.19
CA TYR A 14 -7.21 6.98 -11.41
C TYR A 14 -6.77 7.99 -12.45
N HIS A 15 -5.53 8.46 -12.37
CA HIS A 15 -4.99 9.38 -13.36
C HIS A 15 -4.82 8.67 -14.70
N GLY A 16 -4.77 9.46 -15.75
CA GLY A 16 -4.57 8.94 -17.09
C GLY A 16 -5.28 9.80 -18.13
N VAL A 17 -4.69 9.82 -19.33
CA VAL A 17 -5.31 10.53 -20.44
C VAL A 17 -6.50 9.74 -20.99
N PHE A 18 -6.34 8.43 -21.13
CA PHE A 18 -7.39 7.61 -21.71
C PHE A 18 -8.53 7.45 -20.71
N PRO A 19 -9.78 7.49 -21.17
CA PRO A 19 -10.90 7.33 -20.22
C PRO A 19 -10.91 5.98 -19.52
N GLU A 20 -10.38 4.95 -20.16
CA GLU A 20 -10.38 3.63 -19.55
C GLU A 20 -9.48 3.58 -18.32
N GLU A 21 -8.44 4.42 -18.27
CA GLU A 21 -7.58 4.44 -17.09
C GLU A 21 -8.31 5.06 -15.90
N ASN A 22 -9.10 6.10 -16.15
CA ASN A 22 -9.83 6.76 -15.07
C ASN A 22 -10.87 5.83 -14.45
N LYS A 23 -11.45 4.93 -15.25
CA LYS A 23 -12.41 3.98 -14.71
C LYS A 23 -11.72 2.85 -13.95
N LEU A 24 -10.61 2.35 -14.48
CA LEU A 24 -9.94 1.19 -13.91
C LEU A 24 -8.97 1.57 -12.80
N GLY A 25 -8.14 2.59 -13.02
CA GLY A 25 -7.12 2.96 -12.07
C GLY A 25 -5.92 2.06 -12.14
N GLN A 26 -4.87 2.46 -11.43
CA GLN A 26 -3.61 1.71 -11.42
C GLN A 26 -2.73 2.25 -10.31
N ARG A 27 -1.65 1.52 -10.05
CA ARG A 27 -0.70 1.95 -9.03
C ARG A 27 -0.01 3.24 -9.45
N PHE A 28 0.31 4.08 -8.46
CA PHE A 28 1.17 5.23 -8.67
C PHE A 28 2.16 5.31 -7.51
N LYS A 29 3.42 5.57 -7.83
CA LYS A 29 4.48 5.68 -6.84
C LYS A 29 5.09 7.08 -6.89
N VAL A 30 5.58 7.53 -5.75
CA VAL A 30 6.16 8.86 -5.63
C VAL A 30 7.42 8.78 -4.77
N ASP A 31 8.53 9.33 -5.28
CA ASP A 31 9.72 9.56 -4.49
C ASP A 31 9.79 11.04 -4.18
N LEU A 32 9.98 11.37 -2.90
CA LEU A 32 10.00 12.75 -2.44
C LEU A 32 11.38 13.08 -1.89
N THR A 33 11.89 14.25 -2.27
CA THR A 33 13.07 14.84 -1.64
C THR A 33 12.81 16.32 -1.39
N VAL A 34 13.07 16.78 -0.16
CA VAL A 34 13.00 18.20 0.15
C VAL A 34 14.34 18.63 0.72
N GLU A 35 14.69 19.90 0.48
CA GLU A 35 15.96 20.46 0.92
C GLU A 35 15.72 21.60 1.89
N LEU A 36 16.51 21.61 2.96
CA LEU A 36 16.33 22.52 4.08
C LEU A 36 17.53 22.33 5.00
N ASP A 37 17.77 23.33 5.85
CA ASP A 37 18.84 23.24 6.84
C ASP A 37 18.34 22.43 8.03
N LEU A 38 18.96 21.28 8.28
CA LEU A 38 18.57 20.40 9.37
C LEU A 38 19.52 20.48 10.56
N LYS A 39 20.48 21.41 10.54
CA LYS A 39 21.49 21.43 11.60
C LYS A 39 20.88 21.78 12.95
N ARG A 40 19.95 22.74 12.98
CA ARG A 40 19.30 23.06 14.24
C ARG A 40 18.58 21.84 14.83
N ALA A 41 17.88 21.09 13.98
CA ALA A 41 17.10 19.96 14.46
C ALA A 41 18.00 18.86 15.01
N GLY A 42 19.08 18.54 14.30
CA GLY A 42 19.99 17.51 14.78
C GLY A 42 20.74 17.93 16.03
N GLU A 43 21.06 19.21 16.16
CA GLU A 43 21.79 19.68 17.33
C GLU A 43 20.88 19.74 18.56
N SER A 44 19.62 20.14 18.37
CA SER A 44 18.69 20.34 19.47
C SER A 44 17.74 19.17 19.68
N ASP A 45 17.69 18.21 18.75
CA ASP A 45 16.77 17.08 18.85
C ASP A 45 15.33 17.54 18.99
N ASP A 46 14.98 18.62 18.29
CA ASP A 46 13.71 19.31 18.47
C ASP A 46 12.99 19.41 17.13
N LEU A 47 11.89 18.69 16.98
CA LEU A 47 11.12 18.70 15.74
C LEU A 47 10.66 20.11 15.38
N GLU A 48 10.52 21.00 16.36
CA GLU A 48 10.15 22.37 16.06
C GLU A 48 11.03 22.95 14.95
N HIS A 49 12.28 22.48 14.84
CA HIS A 49 13.24 23.01 13.89
C HIS A 49 13.37 22.16 12.63
N SER A 50 12.45 21.23 12.40
CA SER A 50 12.46 20.41 11.20
C SER A 50 11.03 20.33 10.67
N VAL A 51 10.80 19.38 9.77
CA VAL A 51 9.51 19.21 9.10
C VAL A 51 9.00 17.80 9.40
N ASN A 52 7.77 17.71 9.90
CA ASN A 52 7.12 16.43 10.14
C ASN A 52 6.93 15.68 8.82
N TYR A 53 7.71 14.61 8.60
CA TYR A 53 7.56 13.87 7.35
C TYR A 53 6.28 13.05 7.31
N GLY A 54 5.59 12.86 8.44
CA GLY A 54 4.25 12.30 8.40
C GLY A 54 3.27 13.21 7.69
N GLU A 55 3.48 14.53 7.79
CA GLU A 55 2.68 15.46 7.03
C GLU A 55 3.09 15.46 5.55
N LEU A 56 4.39 15.37 5.28
CA LEU A 56 4.86 15.30 3.90
C LEU A 56 4.24 14.11 3.18
N PHE A 57 4.06 12.99 3.89
CA PHE A 57 3.36 11.85 3.30
C PHE A 57 1.91 12.18 3.02
N GLU A 58 1.24 12.82 3.97
CA GLU A 58 -0.17 13.15 3.78
C GLU A 58 -0.36 14.13 2.63
N LEU A 59 0.56 15.09 2.47
CA LEU A 59 0.50 15.97 1.32
C LEU A 59 0.57 15.19 0.01
N CYS A 60 1.46 14.21 -0.06
CA CYS A 60 1.56 13.40 -1.28
C CYS A 60 0.35 12.51 -1.46
N ARG A 61 -0.09 11.85 -0.39
CA ARG A 61 -1.30 11.04 -0.45
C ARG A 61 -2.49 11.87 -0.90
N LYS A 62 -2.49 13.16 -0.59
CA LYS A 62 -3.61 14.01 -0.96
C LYS A 62 -3.68 14.18 -2.48
N VAL A 63 -2.55 14.48 -3.11
CA VAL A 63 -2.59 14.80 -4.53
C VAL A 63 -2.86 13.54 -5.34
N VAL A 64 -2.28 12.41 -4.95
CA VAL A 64 -2.38 11.21 -5.76
C VAL A 64 -3.73 10.52 -5.60
N GLU A 65 -4.25 10.46 -4.37
CA GLU A 65 -5.43 9.67 -4.10
C GLU A 65 -6.71 10.48 -3.93
N ASP A 66 -6.61 11.76 -3.55
CA ASP A 66 -7.79 12.60 -3.43
C ASP A 66 -8.08 13.39 -4.70
N ARG A 67 -7.31 13.19 -5.76
CA ARG A 67 -7.44 13.96 -6.99
C ARG A 67 -7.19 13.04 -8.17
N THR A 68 -7.70 13.45 -9.34
CA THR A 68 -7.54 12.69 -10.57
C THR A 68 -7.19 13.65 -11.68
N TYR A 69 -6.01 13.48 -12.26
CA TYR A 69 -5.54 14.29 -13.37
C TYR A 69 -5.37 13.44 -14.60
N LYS A 70 -5.17 14.11 -15.74
CA LYS A 70 -4.79 13.39 -16.96
C LYS A 70 -3.33 12.98 -16.91
N LEU A 71 -2.46 13.88 -16.45
CA LEU A 71 -1.02 13.68 -16.51
C LEU A 71 -0.44 13.42 -15.12
N VAL A 72 0.55 12.52 -15.08
CA VAL A 72 1.41 12.38 -13.91
C VAL A 72 2.25 13.63 -13.72
N GLU A 73 2.48 14.41 -14.79
CA GLU A 73 3.15 15.69 -14.63
C GLU A 73 2.37 16.59 -13.68
N SER A 74 1.03 16.51 -13.72
CA SER A 74 0.22 17.35 -12.83
C SER A 74 0.32 16.89 -11.39
N ILE A 75 0.51 15.60 -11.14
CA ILE A 75 0.77 15.13 -9.79
C ILE A 75 2.03 15.78 -9.25
N ALA A 76 3.11 15.73 -10.03
CA ALA A 76 4.39 16.27 -9.56
C ALA A 76 4.29 17.78 -9.32
N GLU A 77 3.62 18.50 -10.21
CA GLU A 77 3.53 19.95 -10.06
C GLU A 77 2.71 20.33 -8.84
N ASN A 78 1.63 19.58 -8.57
CA ASN A 78 0.77 19.91 -7.44
C ASN A 78 1.36 19.46 -6.12
N ILE A 79 2.09 18.34 -6.11
CA ILE A 79 2.81 17.94 -4.89
C ILE A 79 3.85 19.00 -4.54
N ALA A 80 4.69 19.35 -5.52
CA ALA A 80 5.72 20.35 -5.28
C ALA A 80 5.11 21.66 -4.80
N THR A 81 4.20 22.22 -5.61
CA THR A 81 3.59 23.50 -5.26
C THR A 81 3.03 23.47 -3.84
N ASP A 82 2.34 22.39 -3.47
CA ASP A 82 1.79 22.30 -2.12
C ASP A 82 2.88 22.31 -1.06
N ILE A 83 4.07 21.84 -1.40
CA ILE A 83 5.16 21.79 -0.44
C ILE A 83 5.75 23.18 -0.19
N LEU A 84 6.19 23.84 -1.26
CA LEU A 84 6.75 25.18 -1.09
C LEU A 84 5.70 26.14 -0.52
N LYS A 85 4.41 25.84 -0.68
CA LYS A 85 3.37 26.71 -0.16
C LYS A 85 3.25 26.59 1.35
N GLN A 86 3.42 25.38 1.87
CA GLN A 86 3.14 25.12 3.28
C GLN A 86 4.38 25.10 4.17
N TYR A 87 5.57 24.96 3.61
CA TYR A 87 6.79 24.81 4.39
C TYR A 87 7.80 25.88 3.99
N GLU A 88 7.77 26.97 4.75
CA GLU A 88 8.68 28.08 4.56
C GLU A 88 10.14 27.63 4.65
N SER A 89 10.42 26.69 5.55
CA SER A 89 11.81 26.28 5.78
C SER A 89 12.38 25.46 4.64
N ILE A 90 11.53 24.92 3.77
CA ILE A 90 12.00 24.10 2.65
C ILE A 90 12.41 25.02 1.51
N SER A 91 13.66 24.89 1.07
CA SER A 91 14.20 25.76 0.02
C SER A 91 13.96 25.20 -1.37
N ARG A 92 14.02 23.88 -1.54
CA ARG A 92 13.88 23.26 -2.84
C ARG A 92 13.38 21.83 -2.63
N CYS A 93 12.73 21.29 -3.65
CA CYS A 93 12.21 19.93 -3.59
C CYS A 93 12.27 19.30 -4.97
N THR A 94 12.48 17.99 -4.98
CA THR A 94 12.46 17.18 -6.19
C THR A 94 11.38 16.13 -6.03
N ILE A 95 10.43 16.10 -6.96
CA ILE A 95 9.33 15.14 -6.93
C ILE A 95 9.44 14.25 -8.15
N LYS A 96 9.29 12.94 -7.93
CA LYS A 96 9.32 11.95 -9.00
C LYS A 96 8.05 11.12 -8.88
N VAL A 97 7.24 11.10 -9.93
CA VAL A 97 5.97 10.38 -9.94
C VAL A 97 6.13 9.21 -10.89
N ILE A 98 5.98 8.00 -10.36
CA ILE A 98 6.21 6.77 -11.12
C ILE A 98 4.86 6.17 -11.50
N LYS A 99 4.73 5.76 -12.75
CA LYS A 99 3.58 5.02 -13.25
C LYS A 99 4.13 3.63 -13.61
N PRO A 100 4.17 2.69 -12.65
CA PRO A 100 4.83 1.40 -12.93
C PRO A 100 4.12 0.58 -14.00
N ASP A 101 2.81 0.77 -14.20
CA ASP A 101 2.02 -0.13 -15.02
C ASP A 101 1.19 0.63 -16.07
N PRO A 102 1.84 1.45 -16.90
CA PRO A 102 1.08 2.19 -17.91
C PRO A 102 0.60 1.26 -19.01
N PRO A 103 -0.40 1.68 -19.79
CA PRO A 103 -0.92 0.84 -20.88
C PRO A 103 -0.09 0.91 -22.16
N ILE A 104 1.22 0.70 -22.02
CA ILE A 104 2.15 0.68 -23.15
C ILE A 104 2.46 -0.76 -23.45
N PRO A 105 2.00 -1.31 -24.60
CA PRO A 105 2.40 -2.67 -24.96
C PRO A 105 3.91 -2.77 -25.12
N GLY A 106 4.54 -3.55 -24.26
CA GLY A 106 6.01 -3.61 -24.22
C GLY A 106 6.50 -4.25 -22.95
N HIS A 107 7.80 -4.16 -22.69
CA HIS A 107 8.43 -4.82 -21.53
C HIS A 107 9.33 -3.77 -20.91
N TYR A 108 9.06 -3.43 -19.65
CA TYR A 108 9.80 -2.36 -18.95
C TYR A 108 9.47 -2.44 -17.46
N ARG A 109 10.17 -1.67 -16.63
CA ARG A 109 9.87 -1.63 -15.21
C ARG A 109 8.87 -0.53 -14.87
N ALA A 110 9.02 0.65 -15.46
CA ALA A 110 8.13 1.75 -15.17
C ALA A 110 8.48 2.94 -16.06
N VAL A 111 7.56 3.88 -16.14
CA VAL A 111 7.81 5.20 -16.69
C VAL A 111 7.54 6.21 -15.58
N ALA A 112 8.18 7.36 -15.65
CA ALA A 112 8.05 8.33 -14.58
C ALA A 112 8.43 9.72 -15.07
N VAL A 113 8.00 10.72 -14.32
CA VAL A 113 8.39 12.10 -14.53
C VAL A 113 9.04 12.60 -13.25
N GLU A 114 9.97 13.54 -13.38
CA GLU A 114 10.68 14.09 -12.23
C GLU A 114 10.85 15.59 -12.43
N ILE A 115 10.52 16.36 -11.41
CA ILE A 115 10.63 17.82 -11.46
C ILE A 115 11.38 18.30 -10.23
N THR A 116 12.02 19.46 -10.37
CA THR A 116 12.67 20.15 -9.26
C THR A 116 12.11 21.57 -9.24
N ARG A 117 11.76 22.04 -8.04
CA ARG A 117 11.12 23.35 -7.92
C ARG A 117 11.73 24.13 -6.76
N GLU A 118 11.92 25.42 -6.97
CA GLU A 118 12.30 26.35 -5.90
C GLU A 118 11.49 27.63 -6.10
N ARG A 119 11.60 28.53 -5.14
CA ARG A 119 10.87 29.77 -5.26
C ARG A 119 11.67 30.79 -6.05
N PRO A 120 10.98 31.62 -6.86
CA PRO A 120 11.66 32.64 -7.69
C PRO A 120 12.50 33.62 -6.89
N MET B 1 -5.19 -29.63 -6.01
CA MET B 1 -6.37 -29.03 -6.74
C MET B 1 -6.01 -27.65 -7.28
N ASP B 2 -6.83 -27.14 -8.20
CA ASP B 2 -6.61 -25.80 -8.73
C ASP B 2 -6.72 -24.78 -7.61
N LYS B 3 -5.94 -23.70 -7.73
CA LYS B 3 -5.81 -22.74 -6.67
C LYS B 3 -5.77 -21.32 -7.21
N ILE B 4 -6.24 -20.38 -6.40
CA ILE B 4 -6.15 -18.96 -6.66
C ILE B 4 -5.24 -18.36 -5.60
N TYR B 5 -4.29 -17.52 -6.02
CA TYR B 5 -3.38 -16.85 -5.11
C TYR B 5 -3.65 -15.34 -5.12
N ILE B 6 -3.37 -14.71 -3.98
CA ILE B 6 -3.23 -13.25 -3.89
C ILE B 6 -1.94 -13.02 -3.13
N HIS B 7 -0.90 -12.56 -3.83
CA HIS B 7 0.45 -12.53 -3.27
C HIS B 7 0.70 -11.19 -2.60
N ASP B 8 1.08 -11.23 -1.31
CA ASP B 8 1.72 -10.11 -0.63
C ASP B 8 0.83 -8.86 -0.58
N MET B 9 -0.39 -9.03 -0.10
CA MET B 9 -1.23 -7.88 0.18
C MET B 9 -0.67 -7.12 1.37
N GLU B 10 -0.50 -5.80 1.23
CA GLU B 10 0.05 -4.97 2.28
C GLU B 10 -1.06 -4.10 2.87
N PHE B 11 -1.22 -4.16 4.19
CA PHE B 11 -2.18 -3.35 4.91
C PHE B 11 -1.45 -2.63 6.04
N TYR B 12 -2.09 -1.59 6.58
CA TYR B 12 -1.64 -0.94 7.80
C TYR B 12 -2.71 -1.14 8.86
N GLY B 13 -2.36 -1.84 9.94
CA GLY B 13 -3.30 -2.17 10.99
C GLY B 13 -2.76 -1.79 12.35
N TYR B 14 -3.56 -2.07 13.38
CA TYR B 14 -3.25 -1.72 14.75
C TYR B 14 -3.27 -2.91 15.70
N HIS B 15 -3.15 -4.12 15.16
CA HIS B 15 -3.14 -5.33 15.96
C HIS B 15 -1.84 -5.43 16.74
N GLY B 16 -1.90 -6.15 17.85
CA GLY B 16 -0.74 -6.37 18.68
C GLY B 16 -1.14 -6.55 20.13
N VAL B 17 -0.24 -7.14 20.91
CA VAL B 17 -0.50 -7.41 22.32
C VAL B 17 -0.21 -6.19 23.21
N PHE B 18 0.86 -5.48 22.89
CA PHE B 18 1.26 -4.29 23.63
C PHE B 18 0.25 -3.20 23.31
N PRO B 19 -0.17 -2.37 24.28
CA PRO B 19 -1.06 -1.28 23.99
C PRO B 19 -0.35 -0.25 23.11
N GLU B 20 0.98 -0.22 23.12
CA GLU B 20 1.77 0.79 22.38
C GLU B 20 1.71 0.43 20.90
N GLU B 21 1.47 -0.83 20.56
CA GLU B 21 1.24 -1.22 19.17
C GLU B 21 -0.15 -0.82 18.71
N ASN B 22 -1.14 -0.89 19.60
CA ASN B 22 -2.50 -0.49 19.24
C ASN B 22 -2.58 1.00 18.94
N LYS B 23 -1.76 1.80 19.59
CA LYS B 23 -1.75 3.24 19.31
C LYS B 23 -0.97 3.54 18.05
N LEU B 24 0.19 2.93 17.86
CA LEU B 24 1.05 3.30 16.75
C LEU B 24 0.64 2.58 15.46
N GLY B 25 0.36 1.29 15.55
CA GLY B 25 0.08 0.50 14.36
C GLY B 25 1.33 0.16 13.60
N GLN B 26 1.17 -0.72 12.61
CA GLN B 26 2.31 -1.20 11.85
C GLN B 26 1.82 -1.90 10.59
N ARG B 27 2.77 -2.23 9.73
CA ARG B 27 2.44 -2.95 8.51
C ARG B 27 2.00 -4.37 8.84
N PHE B 28 1.05 -4.89 8.06
CA PHE B 28 0.70 -6.31 8.09
C PHE B 28 0.53 -6.78 6.66
N LYS B 29 1.09 -7.96 6.34
CA LYS B 29 1.00 -8.53 5.01
C LYS B 29 0.30 -9.88 5.08
N VAL B 30 -0.42 -10.21 4.01
CA VAL B 30 -1.21 -11.44 3.96
C VAL B 30 -0.98 -12.10 2.61
N ASP B 31 -0.66 -13.40 2.64
CA ASP B 31 -0.64 -14.25 1.45
C ASP B 31 -1.84 -15.18 1.53
N LEU B 32 -2.61 -15.27 0.45
CA LEU B 32 -3.85 -16.02 0.41
C LEU B 32 -3.76 -17.10 -0.65
N THR B 33 -4.19 -18.30 -0.29
CA THR B 33 -4.40 -19.40 -1.22
C THR B 33 -5.76 -20.02 -0.96
N VAL B 34 -6.60 -20.11 -2.00
CA VAL B 34 -7.87 -20.82 -1.90
C VAL B 34 -7.84 -21.99 -2.88
N GLU B 35 -8.42 -23.11 -2.48
CA GLU B 35 -8.51 -24.29 -3.34
C GLU B 35 -9.93 -24.41 -3.87
N LEU B 36 -10.05 -24.79 -5.14
CA LEU B 36 -11.34 -24.94 -5.79
C LEU B 36 -11.10 -25.46 -7.20
N ASP B 37 -12.03 -26.28 -7.72
CA ASP B 37 -11.88 -26.80 -9.07
C ASP B 37 -12.21 -25.69 -10.06
N LEU B 38 -11.21 -25.29 -10.87
CA LEU B 38 -11.37 -24.17 -11.78
C LEU B 38 -11.42 -24.61 -13.24
N LYS B 39 -11.58 -25.91 -13.50
CA LYS B 39 -11.66 -26.37 -14.88
C LYS B 39 -12.91 -25.82 -15.57
N ARG B 40 -14.04 -25.80 -14.87
CA ARG B 40 -15.29 -25.32 -15.47
C ARG B 40 -15.19 -23.84 -15.82
N ALA B 41 -14.40 -23.06 -15.06
CA ALA B 41 -14.24 -21.65 -15.38
C ALA B 41 -13.36 -21.46 -16.60
N GLY B 42 -12.23 -22.17 -16.65
CA GLY B 42 -11.37 -22.09 -17.82
C GLY B 42 -11.98 -22.73 -19.05
N GLU B 43 -12.79 -23.77 -18.85
CA GLU B 43 -13.49 -24.37 -19.98
C GLU B 43 -14.47 -23.38 -20.61
N SER B 44 -15.16 -22.60 -19.78
CA SER B 44 -16.26 -21.76 -20.24
C SER B 44 -15.92 -20.29 -20.33
N ASP B 45 -14.83 -19.85 -19.69
CA ASP B 45 -14.46 -18.43 -19.67
C ASP B 45 -15.55 -17.58 -19.02
N ASP B 46 -16.19 -18.14 -17.98
CA ASP B 46 -17.32 -17.49 -17.32
C ASP B 46 -16.99 -17.33 -15.84
N LEU B 47 -17.04 -16.08 -15.36
CA LEU B 47 -16.52 -15.77 -14.03
C LEU B 47 -17.34 -16.42 -12.92
N GLU B 48 -18.63 -16.69 -13.16
CA GLU B 48 -19.45 -17.35 -12.13
C GLU B 48 -19.02 -18.80 -11.89
N HIS B 49 -18.23 -19.40 -12.76
CA HIS B 49 -17.64 -20.70 -12.50
C HIS B 49 -16.27 -20.58 -11.81
N SER B 50 -15.92 -19.38 -11.36
CA SER B 50 -14.74 -19.15 -10.54
C SER B 50 -15.10 -18.15 -9.45
N VAL B 51 -14.09 -17.64 -8.74
CA VAL B 51 -14.28 -16.71 -7.64
C VAL B 51 -13.59 -15.40 -7.98
N ASN B 52 -14.30 -14.30 -7.77
CA ASN B 52 -13.72 -12.97 -7.98
C ASN B 52 -12.69 -12.69 -6.90
N TYR B 53 -11.42 -12.61 -7.29
CA TYR B 53 -10.36 -12.35 -6.32
C TYR B 53 -10.38 -10.90 -5.83
N GLY B 54 -11.06 -10.01 -6.54
CA GLY B 54 -11.21 -8.66 -6.05
C GLY B 54 -12.03 -8.61 -4.76
N GLU B 55 -13.01 -9.49 -4.65
CA GLU B 55 -13.72 -9.64 -3.38
C GLU B 55 -12.83 -10.32 -2.35
N LEU B 56 -12.08 -11.34 -2.77
CA LEU B 56 -11.15 -12.01 -1.86
C LEU B 56 -10.19 -11.00 -1.23
N PHE B 57 -9.78 -9.98 -1.99
CA PHE B 57 -8.94 -8.94 -1.43
C PHE B 57 -9.68 -8.12 -0.38
N GLU B 58 -10.91 -7.70 -0.71
CA GLU B 58 -11.67 -6.87 0.22
C GLU B 58 -11.96 -7.60 1.52
N LEU B 59 -12.15 -8.92 1.46
CA LEU B 59 -12.30 -9.69 2.69
C LEU B 59 -11.07 -9.52 3.59
N CYS B 60 -9.88 -9.73 3.04
CA CYS B 60 -8.69 -9.58 3.88
C CYS B 60 -8.51 -8.13 4.33
N ARG B 61 -8.87 -7.17 3.49
CA ARG B 61 -8.73 -5.77 3.85
C ARG B 61 -9.53 -5.45 5.10
N LYS B 62 -10.77 -5.94 5.17
CA LYS B 62 -11.61 -5.63 6.32
C LYS B 62 -11.08 -6.26 7.59
N VAL B 63 -10.64 -7.52 7.52
CA VAL B 63 -10.21 -8.22 8.72
C VAL B 63 -8.94 -7.58 9.28
N VAL B 64 -8.05 -7.11 8.41
CA VAL B 64 -6.78 -6.56 8.87
C VAL B 64 -6.89 -5.08 9.21
N GLU B 65 -7.67 -4.31 8.44
CA GLU B 65 -7.69 -2.86 8.60
C GLU B 65 -8.92 -2.34 9.34
N ASP B 66 -10.06 -3.00 9.22
CA ASP B 66 -11.29 -2.56 9.88
C ASP B 66 -11.46 -3.18 11.26
N ARG B 67 -10.46 -3.91 11.75
CA ARG B 67 -10.53 -4.55 13.05
C ARG B 67 -9.17 -4.45 13.74
N THR B 68 -9.18 -4.68 15.05
CA THR B 68 -7.96 -4.64 15.85
C THR B 68 -7.99 -5.82 16.81
N TYR B 69 -7.06 -6.75 16.64
CA TYR B 69 -6.93 -7.91 17.53
C TYR B 69 -5.61 -7.84 18.29
N LYS B 70 -5.46 -8.76 19.24
CA LYS B 70 -4.18 -8.89 19.92
C LYS B 70 -3.21 -9.74 19.10
N LEU B 71 -3.68 -10.89 18.60
CA LEU B 71 -2.82 -11.85 17.93
C LEU B 71 -3.06 -11.80 16.43
N VAL B 72 -1.97 -11.93 15.66
CA VAL B 72 -2.09 -12.14 14.22
C VAL B 72 -2.75 -13.48 13.94
N GLU B 73 -2.66 -14.42 14.88
CA GLU B 73 -3.35 -15.70 14.72
C GLU B 73 -4.84 -15.48 14.54
N SER B 74 -5.41 -14.49 15.24
CA SER B 74 -6.84 -14.20 15.10
C SER B 74 -7.15 -13.61 13.73
N ILE B 75 -6.19 -12.90 13.15
CA ILE B 75 -6.35 -12.42 11.79
C ILE B 75 -6.46 -13.60 10.83
N ALA B 76 -5.54 -14.55 10.92
CA ALA B 76 -5.61 -15.68 10.00
C ALA B 76 -6.89 -16.49 10.16
N GLU B 77 -7.34 -16.70 11.40
CA GLU B 77 -8.54 -17.50 11.62
C GLU B 77 -9.78 -16.83 11.07
N ASN B 78 -9.92 -15.51 11.31
CA ASN B 78 -11.11 -14.81 10.84
C ASN B 78 -11.12 -14.66 9.33
N ILE B 79 -9.94 -14.45 8.73
CA ILE B 79 -9.87 -14.40 7.28
C ILE B 79 -10.29 -15.72 6.67
N ALA B 80 -9.73 -16.82 7.18
CA ALA B 80 -10.08 -18.14 6.64
C ALA B 80 -11.54 -18.47 6.93
N THR B 81 -12.01 -18.14 8.13
CA THR B 81 -13.40 -18.41 8.47
C THR B 81 -14.33 -17.69 7.50
N ASP B 82 -14.07 -16.41 7.25
CA ASP B 82 -14.94 -15.64 6.38
C ASP B 82 -14.81 -16.09 4.93
N ILE B 83 -13.69 -16.69 4.55
CA ILE B 83 -13.61 -17.24 3.20
C ILE B 83 -14.57 -18.43 3.07
N LEU B 84 -14.49 -19.36 4.01
CA LEU B 84 -15.27 -20.60 3.89
C LEU B 84 -16.76 -20.36 4.06
N LYS B 85 -17.15 -19.28 4.76
CA LYS B 85 -18.57 -19.03 4.94
C LYS B 85 -19.22 -18.55 3.66
N GLN B 86 -18.55 -17.69 2.91
CA GLN B 86 -19.16 -16.95 1.81
C GLN B 86 -18.92 -17.57 0.44
N TYR B 87 -17.98 -18.51 0.31
CA TYR B 87 -17.70 -19.16 -0.96
C TYR B 87 -17.77 -20.66 -0.77
N GLU B 88 -18.95 -21.24 -1.01
CA GLU B 88 -19.10 -22.68 -0.94
C GLU B 88 -18.23 -23.37 -1.98
N SER B 89 -17.89 -22.67 -3.06
CA SER B 89 -17.07 -23.28 -4.10
C SER B 89 -15.66 -23.59 -3.62
N ILE B 90 -15.17 -22.86 -2.62
CA ILE B 90 -13.82 -23.05 -2.13
C ILE B 90 -13.81 -24.22 -1.15
N SER B 91 -12.98 -25.22 -1.43
CA SER B 91 -12.90 -26.41 -0.59
C SER B 91 -11.94 -26.23 0.58
N ARG B 92 -10.83 -25.52 0.38
CA ARG B 92 -9.82 -25.35 1.41
C ARG B 92 -9.03 -24.09 1.10
N CYS B 93 -8.49 -23.46 2.15
CA CYS B 93 -7.73 -22.23 1.96
C CYS B 93 -6.61 -22.18 2.99
N THR B 94 -5.48 -21.60 2.58
CA THR B 94 -4.31 -21.43 3.44
C THR B 94 -4.01 -19.94 3.54
N ILE B 95 -3.99 -19.43 4.77
CA ILE B 95 -3.80 -18.00 5.04
C ILE B 95 -2.47 -17.83 5.76
N LYS B 96 -1.65 -16.90 5.26
CA LYS B 96 -0.39 -16.54 5.89
C LYS B 96 -0.43 -15.05 6.20
N VAL B 97 -0.24 -14.71 7.47
CA VAL B 97 -0.28 -13.32 7.94
C VAL B 97 1.11 -12.97 8.41
N ILE B 98 1.70 -11.95 7.81
CA ILE B 98 3.09 -11.57 8.04
C ILE B 98 3.13 -10.27 8.83
N LYS B 99 3.95 -10.26 9.89
CA LYS B 99 4.22 -9.07 10.69
C LYS B 99 5.68 -8.69 10.40
N PRO B 100 5.93 -7.80 9.45
CA PRO B 100 7.32 -7.55 9.04
C PRO B 100 8.12 -6.67 9.99
N ASP B 101 7.48 -5.92 10.88
CA ASP B 101 8.16 -4.92 11.70
C ASP B 101 7.64 -4.98 13.13
N PRO B 102 7.80 -6.16 13.79
CA PRO B 102 7.34 -6.33 15.16
C PRO B 102 8.29 -5.68 16.16
N PRO B 103 7.89 -5.47 17.43
CA PRO B 103 8.79 -4.94 18.44
C PRO B 103 9.67 -6.06 19.01
N ILE B 104 10.52 -6.69 18.19
CA ILE B 104 11.43 -7.79 18.61
C ILE B 104 12.89 -7.32 18.45
N PRO B 105 13.54 -6.69 19.44
CA PRO B 105 14.94 -6.25 19.25
C PRO B 105 15.76 -7.38 18.64
N GLY B 106 16.25 -7.14 17.43
CA GLY B 106 17.01 -8.15 16.72
C GLY B 106 17.06 -7.84 15.24
N HIS B 107 17.39 -8.86 14.45
CA HIS B 107 17.54 -8.73 13.02
C HIS B 107 16.90 -9.92 12.33
N TYR B 108 15.99 -9.65 11.41
CA TYR B 108 15.20 -10.67 10.76
C TYR B 108 14.45 -10.02 9.61
N ARG B 109 13.83 -10.85 8.77
CA ARG B 109 12.97 -10.31 7.73
C ARG B 109 11.54 -10.13 8.24
N ALA B 110 11.00 -11.12 8.94
CA ALA B 110 9.62 -11.04 9.41
C ALA B 110 9.34 -12.21 10.33
N VAL B 111 8.26 -12.08 11.09
CA VAL B 111 7.61 -13.19 11.78
C VAL B 111 6.24 -13.36 11.14
N ALA B 112 5.74 -14.58 11.11
CA ALA B 112 4.50 -14.85 10.40
C ALA B 112 3.78 -16.04 11.02
N VAL B 113 2.47 -16.06 10.84
CA VAL B 113 1.62 -17.19 11.19
C VAL B 113 0.96 -17.68 9.92
N GLU B 114 0.76 -19.00 9.83
CA GLU B 114 0.21 -19.61 8.63
C GLU B 114 -0.65 -20.80 9.03
N ILE B 115 -1.91 -20.77 8.61
CA ILE B 115 -2.87 -21.82 8.94
C ILE B 115 -3.51 -22.32 7.66
N THR B 116 -4.05 -23.54 7.74
CA THR B 116 -4.85 -24.14 6.68
C THR B 116 -6.19 -24.53 7.29
N ARG B 117 -7.29 -24.16 6.63
CA ARG B 117 -8.62 -24.41 7.15
C ARG B 117 -9.52 -24.94 6.05
N GLU B 118 -10.37 -25.90 6.41
CA GLU B 118 -11.40 -26.42 5.53
C GLU B 118 -12.68 -26.58 6.34
N ARG B 119 -13.75 -26.93 5.65
CA ARG B 119 -15.01 -27.18 6.35
C ARG B 119 -14.98 -28.58 6.96
N PRO B 120 -15.70 -28.77 8.08
CA PRO B 120 -15.76 -30.08 8.75
C PRO B 120 -16.17 -31.20 7.80
C1 EDO C . 0.11 9.82 -17.81
O1 EDO C . -0.76 9.63 -16.69
C2 EDO C . 0.62 11.23 -17.89
O2 EDO C . 1.64 11.43 -18.84
C1 EDO D . -9.16 13.60 -15.85
O1 EDO D . -9.25 14.46 -14.70
C2 EDO D . -10.48 12.86 -16.01
O2 EDO D . -10.62 12.43 -17.37
#